data_2G7Z
#
_entry.id   2G7Z
#
_cell.length_a   74.126
_cell.length_b   74.093
_cell.length_c   128.597
_cell.angle_alpha   90.00
_cell.angle_beta   90.00
_cell.angle_gamma   90.00
#
_symmetry.space_group_name_H-M   'P 21 21 21'
#
loop_
_entity.id
_entity.type
_entity.pdbx_description
1 polymer 'conserved hypothetical protein SPy1493'
2 non-polymer 'ZINC ION'
3 non-polymer 'CHLORIDE ION'
4 non-polymer 'DOCOSA-4,7,10,13,16,19-HEXAENOIC ACID'
5 non-polymer 2-AMINO-2-HYDROXYMETHYL-PROPANE-1,3-DIOL
6 non-polymer GLYCEROL
7 water water
#
_entity_poly.entity_id   1
_entity_poly.type   'polypeptide(L)'
_entity_poly.pdbx_seq_one_letter_code
;SNA(MSE)GTIKIVTDSSITIEPELIKALDITVVPLSV(MSE)IDSKLYSDNDLKEEGHFLSL(MSE)KASKSLPKTSQP
PVGLFAETYENLVKKGVTDIVAIHLSPALSGTIEASRQGAEIAEAPVTVLDSGFTDQA(MSE)KFQVVEAAK(MSE)AKA
GASLNEILAAVQAIKSKTELYIGVSTLENLVKGGRIGRVTGVLSSLLNVKVV(MSE)ALKNDELKTLVKGRGNKTFTKWL
DSYLAKNSHRPIAEIAISYAGEASLALTLKERIAAYYNHSISVLETGSIIQTHTGEGAFAV(MSE)VRYE
;
_entity_poly.pdbx_strand_id   A,B
#
# COMPACT_ATOMS: atom_id res chain seq x y z
N ALA A 3 -15.56 -24.83 -2.89
CA ALA A 3 -14.53 -23.84 -3.35
C ALA A 3 -13.11 -24.32 -3.07
N GLY A 5 -9.00 -24.26 -2.74
CA GLY A 5 -8.04 -23.32 -2.18
C GLY A 5 -8.15 -23.16 -0.68
N THR A 6 -7.20 -22.43 -0.11
CA THR A 6 -7.13 -22.17 1.32
C THR A 6 -7.06 -20.66 1.57
N ILE A 7 -8.07 -20.13 2.25
CA ILE A 7 -8.10 -18.71 2.56
C ILE A 7 -7.75 -18.43 4.02
N LYS A 8 -6.85 -17.47 4.26
CA LYS A 8 -6.58 -17.02 5.61
C LYS A 8 -6.80 -15.51 5.76
N ILE A 9 -7.08 -15.09 6.99
CA ILE A 9 -7.37 -13.71 7.32
C ILE A 9 -6.19 -13.09 8.08
N VAL A 10 -5.86 -11.86 7.69
CA VAL A 10 -4.80 -11.09 8.32
C VAL A 10 -5.45 -9.82 8.86
N THR A 11 -5.00 -9.37 10.02
CA THR A 11 -5.45 -8.08 10.54
C THR A 11 -4.26 -7.41 11.25
N ASP A 12 -4.47 -6.25 11.85
CA ASP A 12 -3.44 -5.62 12.63
C ASP A 12 -3.81 -5.59 14.11
N SER A 13 -2.81 -5.32 14.95
CA SER A 13 -2.96 -5.44 16.40
C SER A 13 -3.85 -4.33 17.04
N SER A 14 -4.37 -3.40 16.24
CA SER A 14 -5.40 -2.46 16.75
C SER A 14 -6.75 -3.16 16.98
N ILE A 15 -6.87 -4.39 16.48
CA ILE A 15 -8.05 -5.22 16.80
C ILE A 15 -8.13 -5.43 18.30
N THR A 16 -9.35 -5.58 18.81
CA THR A 16 -9.51 -5.91 20.22
C THR A 16 -10.40 -7.15 20.22
N ILE A 17 -9.89 -8.22 20.80
CA ILE A 17 -10.49 -9.55 20.64
C ILE A 17 -9.85 -10.45 21.69
N GLU A 18 -10.60 -11.44 22.18
CA GLU A 18 -9.99 -12.49 23.00
C GLU A 18 -9.00 -13.35 22.21
N PRO A 19 -7.83 -13.65 22.79
CA PRO A 19 -6.86 -14.45 22.02
C PRO A 19 -7.35 -15.88 21.72
N GLU A 20 -8.30 -16.38 22.51
CA GLU A 20 -8.92 -17.69 22.19
C GLU A 20 -9.63 -17.67 20.84
N LEU A 21 -10.21 -16.52 20.46
CA LEU A 21 -10.84 -16.45 19.14
C LEU A 21 -9.79 -16.41 18.03
N ILE A 22 -8.70 -15.66 18.24
CA ILE A 22 -7.56 -15.63 17.29
CA ILE A 22 -7.57 -15.63 17.29
C ILE A 22 -7.05 -17.05 17.04
N LYS A 23 -6.84 -17.78 18.13
CA LYS A 23 -6.39 -19.16 18.08
C LYS A 23 -7.42 -20.09 17.42
N ALA A 24 -8.69 -20.04 17.83
CA ALA A 24 -9.75 -20.88 17.25
C ALA A 24 -9.91 -20.64 15.74
N LEU A 25 -9.75 -19.40 15.30
CA LEU A 25 -9.97 -19.06 13.91
C LEU A 25 -8.71 -18.93 13.04
N ASP A 26 -7.52 -19.08 13.64
CA ASP A 26 -6.25 -19.02 12.90
C ASP A 26 -6.09 -17.67 12.20
N ILE A 27 -6.38 -16.60 12.94
CA ILE A 27 -6.20 -15.26 12.42
C ILE A 27 -4.75 -14.84 12.63
N THR A 28 -4.14 -14.24 11.61
CA THR A 28 -2.81 -13.67 11.75
C THR A 28 -2.93 -12.19 12.09
N VAL A 29 -2.34 -11.80 13.20
CA VAL A 29 -2.36 -10.41 13.67
C VAL A 29 -0.99 -9.76 13.53
N VAL A 30 -0.87 -8.84 12.57
CA VAL A 30 0.41 -8.12 12.35
C VAL A 30 0.55 -6.98 13.38
N PRO A 31 1.65 -6.97 14.17
CA PRO A 31 1.69 -5.94 15.20
C PRO A 31 2.16 -4.57 14.72
N LEU A 32 1.54 -3.54 15.28
CA LEU A 32 2.10 -2.22 15.26
C LEU A 32 3.13 -2.12 16.38
N SER A 33 3.85 -1.00 16.44
CA SER A 33 4.85 -0.80 17.49
C SER A 33 4.48 0.42 18.31
N VAL A 34 5.05 0.49 19.50
CA VAL A 34 4.88 1.65 20.36
C VAL A 34 6.20 1.95 21.08
N ILE A 36 8.06 3.69 24.13
CA ILE A 36 7.82 4.09 25.53
C ILE A 36 9.15 4.50 26.16
N ASP A 37 9.28 5.78 26.48
CA ASP A 37 10.54 6.39 26.92
C ASP A 37 11.77 5.80 26.22
N SER A 38 11.79 5.94 24.89
CA SER A 38 12.94 5.56 24.04
C SER A 38 13.15 4.07 23.82
N LYS A 39 12.20 3.25 24.27
CA LYS A 39 12.29 1.80 24.03
C LYS A 39 11.15 1.36 23.13
N LEU A 40 11.47 0.55 22.13
CA LEU A 40 10.48 0.12 21.14
C LEU A 40 9.87 -1.25 21.47
N TYR A 41 8.55 -1.27 21.62
CA TYR A 41 7.80 -2.47 21.98
C TYR A 41 6.95 -2.91 20.82
N SER A 42 6.81 -4.23 20.65
CA SER A 42 5.80 -4.73 19.76
C SER A 42 4.46 -4.80 20.50
N ASP A 43 3.42 -4.26 19.87
CA ASP A 43 2.09 -4.21 20.48
C ASP A 43 1.57 -5.61 20.80
N ASN A 44 2.03 -6.60 20.04
CA ASN A 44 1.66 -7.99 20.36
C ASN A 44 2.19 -8.47 21.71
N ASP A 45 3.17 -7.75 22.26
CA ASP A 45 3.71 -8.02 23.60
C ASP A 45 3.03 -7.20 24.70
N LEU A 46 2.02 -6.41 24.33
CA LEU A 46 1.40 -5.46 25.26
C LEU A 46 -0.10 -5.72 25.48
N LYS A 47 -0.50 -6.99 25.43
CA LYS A 47 -1.91 -7.35 25.51
C LYS A 47 -2.36 -7.79 26.91
N GLU A 48 -1.43 -8.00 27.82
CA GLU A 48 -1.82 -8.47 29.15
C GLU A 48 -2.59 -7.34 29.87
N GLU A 49 -3.76 -7.64 30.42
CA GLU A 49 -4.68 -6.62 30.95
C GLU A 49 -4.03 -5.64 31.92
N GLY A 50 -4.15 -4.34 31.64
CA GLY A 50 -3.68 -3.31 32.57
C GLY A 50 -2.21 -2.95 32.46
N HIS A 51 -1.43 -3.79 31.78
CA HIS A 51 0.03 -3.66 31.74
C HIS A 51 0.49 -2.43 30.98
N PHE A 52 -0.06 -2.22 29.77
CA PHE A 52 0.27 -0.98 29.05
C PHE A 52 -0.20 0.28 29.77
N LEU A 53 -1.41 0.23 30.34
CA LEU A 53 -1.91 1.34 31.15
C LEU A 53 -0.91 1.78 32.21
N SER A 54 -0.30 0.82 32.91
CA SER A 54 0.72 1.10 33.92
C SER A 54 1.94 1.78 33.30
N LEU A 55 2.39 1.25 32.16
CA LEU A 55 3.52 1.80 31.40
C LEU A 55 3.27 3.23 30.90
N LYS A 57 0.95 5.37 32.18
CA LYS A 57 0.78 6.18 33.38
C LYS A 57 2.12 6.57 34.03
N ALA A 58 3.10 5.68 33.96
CA ALA A 58 4.41 5.93 34.58
C ALA A 58 5.43 6.61 33.64
N SER A 59 5.18 6.65 32.34
CA SER A 59 6.19 7.13 31.39
C SER A 59 6.50 8.62 31.56
N LYS A 60 7.75 8.99 31.30
CA LYS A 60 8.21 10.39 31.46
C LYS A 60 7.63 11.27 30.36
N SER A 61 7.40 10.68 29.20
CA SER A 61 6.65 11.36 28.13
C SER A 61 5.66 10.42 27.45
N LEU A 62 4.75 10.99 26.68
CA LEU A 62 3.71 10.22 26.02
C LEU A 62 4.29 9.16 25.07
N PRO A 63 3.76 7.93 25.13
CA PRO A 63 4.21 6.90 24.18
C PRO A 63 3.86 7.31 22.76
N LYS A 64 4.58 6.75 21.78
CA LYS A 64 4.38 7.09 20.37
C LYS A 64 4.23 5.81 19.55
N THR A 65 3.17 5.74 18.76
CA THR A 65 2.90 4.53 17.99
C THR A 65 3.49 4.63 16.60
N SER A 66 3.66 3.49 15.96
CA SER A 66 3.96 3.50 14.53
C SER A 66 3.36 2.26 13.87
N GLN A 67 2.97 2.42 12.61
CA GLN A 67 2.46 1.34 11.78
C GLN A 67 3.48 0.20 11.64
N PRO A 68 3.02 -1.01 11.25
CA PRO A 68 4.03 -2.09 11.08
C PRO A 68 4.93 -1.81 9.85
N PRO A 69 6.24 -2.18 9.95
CA PRO A 69 7.08 -2.06 8.76
C PRO A 69 6.53 -2.77 7.53
N VAL A 70 6.75 -2.17 6.36
CA VAL A 70 6.39 -2.77 5.08
C VAL A 70 6.99 -4.20 4.97
N GLY A 71 8.24 -4.35 5.36
CA GLY A 71 8.97 -5.64 5.34
C GLY A 71 8.40 -6.70 6.28
N LEU A 72 7.77 -6.27 7.38
CA LEU A 72 7.11 -7.21 8.28
C LEU A 72 5.83 -7.79 7.63
N PHE A 73 5.09 -6.93 6.94
CA PHE A 73 3.96 -7.39 6.16
C PHE A 73 4.42 -8.35 5.05
N ALA A 74 5.47 -7.94 4.31
CA ALA A 74 6.02 -8.79 3.25
C ALA A 74 6.37 -10.20 3.76
N GLU A 75 7.08 -10.29 4.90
CA GLU A 75 7.47 -11.59 5.48
C GLU A 75 6.24 -12.38 5.90
N THR A 76 5.31 -11.70 6.57
CA THR A 76 4.05 -12.31 7.00
C THR A 76 3.30 -12.96 5.81
N TYR A 77 3.19 -12.24 4.71
CA TYR A 77 2.47 -12.75 3.54
C TYR A 77 3.26 -13.86 2.85
N GLU A 78 4.59 -13.72 2.79
CA GLU A 78 5.44 -14.78 2.23
C GLU A 78 5.31 -16.10 2.99
N ASN A 79 5.34 -16.04 4.32
CA ASN A 79 5.11 -17.21 5.18
C ASN A 79 3.76 -17.90 4.94
N LEU A 80 2.68 -17.12 4.82
CA LEU A 80 1.37 -17.67 4.52
C LEU A 80 1.36 -18.39 3.16
N VAL A 81 1.92 -17.77 2.12
CA VAL A 81 1.99 -18.43 0.81
C VAL A 81 2.78 -19.77 0.90
N LYS A 82 3.86 -19.76 1.69
CA LYS A 82 4.71 -20.96 1.88
C LYS A 82 3.96 -22.11 2.55
N LYS A 83 2.98 -21.75 3.39
CA LYS A 83 2.10 -22.70 4.08
C LYS A 83 0.98 -23.22 3.18
N GLY A 84 0.89 -22.68 1.96
CA GLY A 84 -0.07 -23.16 0.98
C GLY A 84 -1.35 -22.35 0.90
N VAL A 85 -1.34 -21.15 1.47
CA VAL A 85 -2.51 -20.28 1.45
C VAL A 85 -2.66 -19.68 0.02
N THR A 86 -3.87 -19.75 -0.54
CA THR A 86 -4.09 -19.36 -1.93
C THR A 86 -4.77 -17.99 -2.10
N ASP A 87 -5.42 -17.51 -1.04
CA ASP A 87 -5.92 -16.13 -1.01
C ASP A 87 -5.84 -15.64 0.42
N ILE A 88 -5.48 -14.38 0.57
CA ILE A 88 -5.36 -13.78 1.89
C ILE A 88 -6.27 -12.57 1.91
N VAL A 89 -7.11 -12.48 2.94
CA VAL A 89 -7.90 -11.27 3.14
C VAL A 89 -7.30 -10.49 4.33
N ALA A 90 -6.77 -9.30 4.06
CA ALA A 90 -6.23 -8.41 5.06
C ALA A 90 -7.23 -7.29 5.37
N ILE A 91 -7.65 -7.22 6.63
CA ILE A 91 -8.62 -6.22 7.10
C ILE A 91 -7.94 -5.31 8.11
N HIS A 92 -7.99 -4.00 7.85
CA HIS A 92 -7.19 -3.06 8.66
C HIS A 92 -7.95 -1.86 9.22
N LEU A 93 -7.38 -1.20 10.23
CA LEU A 93 -8.00 -0.01 10.82
C LEU A 93 -8.06 1.08 9.74
N SER A 94 -9.01 2.00 9.89
CA SER A 94 -9.25 3.06 8.91
C SER A 94 -7.96 3.81 8.53
N PRO A 95 -7.80 4.12 7.22
CA PRO A 95 -6.67 4.98 6.84
C PRO A 95 -6.79 6.39 7.44
N ALA A 96 -7.98 6.80 7.93
CA ALA A 96 -8.11 8.07 8.66
C ALA A 96 -7.30 8.05 9.95
N LEU A 97 -7.06 6.85 10.45
CA LEU A 97 -6.37 6.70 11.74
C LEU A 97 -4.88 6.37 11.60
N SER A 98 -4.54 5.58 10.58
CA SER A 98 -3.17 5.05 10.44
C SER A 98 -2.86 4.73 8.98
N GLY A 99 -1.59 4.83 8.61
CA GLY A 99 -1.12 4.36 7.31
C GLY A 99 -0.84 2.85 7.27
N THR A 100 -1.16 2.13 8.36
CA THR A 100 -1.06 0.64 8.39
C THR A 100 -1.57 -0.06 7.13
N ILE A 101 -2.75 0.34 6.67
CA ILE A 101 -3.38 -0.28 5.50
C ILE A 101 -2.53 -0.13 4.22
N GLU A 102 -1.87 1.03 4.08
CA GLU A 102 -0.97 1.22 2.95
C GLU A 102 0.27 0.32 3.06
N ALA A 103 0.85 0.25 4.26
CA ALA A 103 1.97 -0.64 4.53
C ALA A 103 1.64 -2.10 4.18
N SER A 104 0.40 -2.48 4.47
CA SER A 104 -0.11 -3.81 4.21
C SER A 104 -0.11 -4.11 2.72
N ARG A 105 -0.68 -3.19 1.95
CA ARG A 105 -0.75 -3.29 0.49
C ARG A 105 0.66 -3.32 -0.10
N GLN A 106 1.53 -2.45 0.41
CA GLN A 106 2.94 -2.41 -0.07
C GLN A 106 3.72 -3.70 0.23
N GLY A 107 3.54 -4.27 1.43
CA GLY A 107 4.13 -5.55 1.82
C GLY A 107 3.64 -6.69 0.95
N ALA A 108 2.34 -6.69 0.67
CA ALA A 108 1.75 -7.67 -0.27
C ALA A 108 2.36 -7.57 -1.67
N GLU A 109 2.57 -6.33 -2.14
CA GLU A 109 3.19 -6.11 -3.46
C GLU A 109 4.58 -6.74 -3.50
N ILE A 110 5.39 -6.50 -2.45
CA ILE A 110 6.74 -7.06 -2.36
C ILE A 110 6.72 -8.59 -2.36
N ALA A 111 5.83 -9.15 -1.54
CA ALA A 111 5.69 -10.59 -1.39
C ALA A 111 5.14 -11.24 -2.64
N GLU A 112 4.57 -10.44 -3.55
CA GLU A 112 3.81 -10.94 -4.69
C GLU A 112 2.73 -11.93 -4.24
N ALA A 113 2.11 -11.63 -3.11
CA ALA A 113 1.10 -12.48 -2.49
C ALA A 113 -0.35 -12.13 -2.93
N PRO A 114 -1.24 -13.16 -2.97
CA PRO A 114 -2.65 -12.94 -3.36
C PRO A 114 -3.47 -12.29 -2.23
N VAL A 115 -3.18 -11.04 -1.94
CA VAL A 115 -3.81 -10.36 -0.79
C VAL A 115 -4.88 -9.37 -1.29
N THR A 116 -6.09 -9.52 -0.78
CA THR A 116 -7.13 -8.52 -0.94
C THR A 116 -7.13 -7.69 0.34
N VAL A 117 -6.79 -6.41 0.21
CA VAL A 117 -6.62 -5.52 1.38
C VAL A 117 -7.89 -4.68 1.56
N LEU A 118 -8.53 -4.82 2.70
CA LEU A 118 -9.78 -4.14 3.00
C LEU A 118 -9.64 -3.09 4.12
N ASP A 119 -10.23 -1.93 3.88
CA ASP A 119 -10.42 -0.93 4.94
C ASP A 119 -11.67 -1.32 5.76
N SER A 120 -11.48 -1.65 7.04
CA SER A 120 -12.61 -1.98 7.88
C SER A 120 -13.52 -0.78 8.13
N GLY A 121 -12.95 0.43 8.01
CA GLY A 121 -13.63 1.67 8.37
C GLY A 121 -13.57 1.95 9.87
N PHE A 122 -13.05 1.02 10.66
CA PHE A 122 -13.05 1.18 12.12
C PHE A 122 -11.73 0.67 12.71
N THR A 123 -11.79 0.03 13.88
CA THR A 123 -10.65 -0.54 14.54
C THR A 123 -11.27 -1.31 15.71
N ASP A 124 -10.43 -1.83 16.60
CA ASP A 124 -10.87 -2.31 17.92
C ASP A 124 -11.91 -3.43 17.72
N GLN A 125 -13.00 -3.43 18.48
CA GLN A 125 -13.99 -4.50 18.35
C GLN A 125 -14.91 -4.32 17.16
N ALA A 126 -15.13 -3.10 16.70
CA ALA A 126 -15.91 -2.94 15.47
C ALA A 126 -15.20 -3.64 14.28
N LYS A 128 -13.07 -6.21 14.74
CA LYS A 128 -13.25 -7.61 15.10
C LYS A 128 -14.51 -8.25 14.46
N PHE A 129 -15.65 -7.53 14.46
CA PHE A 129 -16.88 -8.01 13.77
C PHE A 129 -16.61 -8.59 12.37
N GLN A 130 -15.85 -7.86 11.56
CA GLN A 130 -15.52 -8.23 10.18
C GLN A 130 -14.52 -9.38 10.10
N VAL A 131 -13.48 -9.28 10.93
CA VAL A 131 -12.37 -10.26 10.98
C VAL A 131 -12.86 -11.65 11.42
N VAL A 132 -13.72 -11.70 12.44
CA VAL A 132 -14.25 -12.97 12.95
C VAL A 132 -15.16 -13.63 11.92
N GLU A 133 -16.05 -12.83 11.33
CA GLU A 133 -16.90 -13.34 10.26
C GLU A 133 -16.07 -13.91 9.10
N ALA A 134 -15.10 -13.12 8.61
CA ALA A 134 -14.24 -13.56 7.50
C ALA A 134 -13.47 -14.87 7.83
N ALA A 135 -12.95 -14.97 9.05
CA ALA A 135 -12.13 -16.11 9.47
C ALA A 135 -12.97 -17.37 9.67
N LYS A 136 -14.17 -17.20 10.24
CA LYS A 136 -15.11 -18.29 10.41
C LYS A 136 -15.48 -18.88 9.03
N ALA A 138 -13.79 -18.40 6.07
CA ALA A 138 -12.58 -18.99 5.49
C ALA A 138 -12.36 -20.43 5.98
N LYS A 139 -12.48 -20.63 7.29
CA LYS A 139 -12.33 -21.96 7.91
C LYS A 139 -13.39 -22.92 7.34
N ALA A 140 -14.64 -22.48 7.21
CA ALA A 140 -15.72 -23.29 6.64
C ALA A 140 -15.53 -23.61 5.13
N GLY A 141 -14.57 -22.97 4.48
CA GLY A 141 -14.34 -23.16 3.06
C GLY A 141 -15.19 -22.26 2.16
N ALA A 142 -15.69 -21.13 2.67
CA ALA A 142 -16.39 -20.16 1.81
C ALA A 142 -15.46 -19.65 0.69
N SER A 143 -16.03 -19.18 -0.41
CA SER A 143 -15.23 -18.60 -1.46
C SER A 143 -14.84 -17.16 -1.10
N LEU A 144 -13.79 -16.68 -1.75
CA LEU A 144 -13.33 -15.31 -1.55
C LEU A 144 -14.47 -14.30 -1.74
N ASN A 145 -15.22 -14.43 -2.83
CA ASN A 145 -16.35 -13.52 -3.09
C ASN A 145 -17.43 -13.51 -1.98
N GLU A 146 -17.70 -14.68 -1.38
CA GLU A 146 -18.70 -14.77 -0.32
C GLU A 146 -18.16 -14.06 0.90
N ILE A 147 -16.89 -14.29 1.20
CA ILE A 147 -16.25 -13.63 2.31
C ILE A 147 -16.28 -12.10 2.14
N LEU A 148 -15.92 -11.62 0.95
CA LEU A 148 -15.90 -10.17 0.68
C LEU A 148 -17.28 -9.51 0.81
N ALA A 149 -18.31 -10.14 0.26
CA ALA A 149 -19.70 -9.69 0.40
C ALA A 149 -20.13 -9.63 1.87
N ALA A 150 -19.85 -10.70 2.64
CA ALA A 150 -20.23 -10.74 4.05
C ALA A 150 -19.51 -9.67 4.88
N VAL A 151 -18.21 -9.48 4.65
CA VAL A 151 -17.44 -8.40 5.30
C VAL A 151 -18.04 -7.01 4.99
N GLN A 152 -18.33 -6.76 3.72
CA GLN A 152 -18.93 -5.51 3.33
C GLN A 152 -20.29 -5.31 4.00
N ALA A 153 -21.12 -6.35 4.06
CA ALA A 153 -22.43 -6.27 4.73
C ALA A 153 -22.27 -5.84 6.20
N ILE A 154 -21.33 -6.46 6.91
CA ILE A 154 -21.06 -6.12 8.32
C ILE A 154 -20.60 -4.67 8.48
N LYS A 155 -19.66 -4.28 7.63
CA LYS A 155 -19.13 -2.94 7.65
C LYS A 155 -20.24 -1.90 7.49
N SER A 156 -21.15 -2.16 6.53
CA SER A 156 -22.24 -1.23 6.20
C SER A 156 -23.28 -1.06 7.34
N LYS A 157 -23.28 -2.00 8.30
CA LYS A 157 -24.28 -2.03 9.37
C LYS A 157 -23.62 -1.76 10.74
N THR A 158 -22.36 -1.33 10.71
CA THR A 158 -21.61 -1.06 11.94
C THR A 158 -21.56 0.46 12.21
N GLU A 159 -21.68 0.83 13.49
CA GLU A 159 -21.42 2.20 13.96
C GLU A 159 -20.41 2.15 15.10
N LEU A 160 -19.54 3.15 15.20
CA LEU A 160 -18.57 3.25 16.30
C LEU A 160 -18.66 4.64 16.92
N TYR A 161 -18.89 4.67 18.25
CA TYR A 161 -18.96 5.90 19.05
C TYR A 161 -17.86 5.86 20.06
N ILE A 162 -17.07 6.92 20.14
CA ILE A 162 -16.00 6.97 21.10
C ILE A 162 -16.14 8.18 22.01
N GLY A 163 -15.98 7.94 23.31
CA GLY A 163 -15.93 9.00 24.30
C GLY A 163 -14.54 9.20 24.86
N VAL A 164 -14.10 10.46 25.00
CA VAL A 164 -12.83 10.77 25.70
C VAL A 164 -13.07 11.71 26.88
N SER A 165 -12.17 11.68 27.86
CA SER A 165 -12.26 12.55 29.02
C SER A 165 -11.19 13.66 28.95
N THR A 166 -10.35 13.60 27.92
CA THR A 166 -9.30 14.57 27.70
C THR A 166 -9.00 14.59 26.21
N LEU A 167 -8.59 15.76 25.71
CA LEU A 167 -8.17 15.90 24.32
C LEU A 167 -6.65 15.82 24.17
N GLU A 168 -5.93 15.66 25.28
CA GLU A 168 -4.48 15.77 25.27
C GLU A 168 -3.81 14.71 24.37
N ASN A 169 -4.27 13.46 24.48
CA ASN A 169 -3.70 12.36 23.70
C ASN A 169 -4.00 12.53 22.21
N LEU A 170 -5.23 12.95 21.90
CA LEU A 170 -5.59 13.25 20.51
C LEU A 170 -4.75 14.40 19.94
N VAL A 171 -4.50 15.42 20.75
CA VAL A 171 -3.70 16.55 20.30
C VAL A 171 -2.25 16.11 20.09
N LYS A 172 -1.66 15.48 21.10
CA LYS A 172 -0.25 15.13 21.05
C LYS A 172 0.13 14.00 20.08
N GLY A 173 -0.80 13.09 19.81
CA GLY A 173 -0.59 12.07 18.79
C GLY A 173 -1.08 12.47 17.40
N GLY A 174 -1.72 13.64 17.31
CA GLY A 174 -2.07 14.21 16.02
C GLY A 174 -3.46 13.91 15.49
N ARG A 175 -4.15 12.96 16.12
CA ARG A 175 -5.43 12.50 15.56
C ARG A 175 -6.57 13.47 15.83
N ILE A 176 -6.31 14.48 16.65
CA ILE A 176 -7.20 15.67 16.77
C ILE A 176 -7.49 16.26 15.38
N GLY A 177 -6.55 16.08 14.45
CA GLY A 177 -6.71 16.50 13.04
C GLY A 177 -7.87 15.86 12.31
N ARG A 178 -8.42 14.77 12.86
CA ARG A 178 -9.59 14.09 12.30
C ARG A 178 -10.88 14.50 12.99
N VAL A 179 -10.75 15.21 14.11
CA VAL A 179 -11.90 15.59 14.89
C VAL A 179 -12.56 16.83 14.30
N THR A 180 -13.84 16.70 14.00
CA THR A 180 -14.59 17.78 13.38
C THR A 180 -15.60 18.22 14.41
N GLY A 181 -15.39 19.44 14.91
CA GLY A 181 -15.90 19.83 16.22
C GLY A 181 -17.09 20.74 16.18
N LEU A 187 -8.87 21.19 26.73
CA LEU A 187 -8.18 19.90 26.60
C LEU A 187 -8.64 18.92 27.66
N ASN A 188 -9.26 19.43 28.70
CA ASN A 188 -9.88 18.60 29.71
C ASN A 188 -11.40 18.71 29.73
N VAL A 189 -12.06 17.81 29.00
CA VAL A 189 -13.49 17.91 28.75
C VAL A 189 -14.00 16.55 28.28
N LYS A 190 -15.29 16.28 28.50
CA LYS A 190 -15.93 15.05 27.97
C LYS A 190 -16.54 15.26 26.57
N VAL A 191 -16.12 14.43 25.60
CA VAL A 191 -16.58 14.51 24.20
C VAL A 191 -16.96 13.14 23.66
N VAL A 192 -18.07 13.06 22.94
CA VAL A 192 -18.43 11.82 22.25
C VAL A 192 -18.37 12.13 20.76
N ALA A 194 -18.52 10.24 16.66
CA ALA A 194 -18.77 9.10 15.78
C ALA A 194 -17.60 8.97 14.81
N LEU A 195 -17.13 7.75 14.59
CA LEU A 195 -16.12 7.47 13.60
C LEU A 195 -16.88 7.19 12.32
N LYS A 196 -16.84 8.17 11.43
CA LYS A 196 -17.77 8.24 10.33
C LYS A 196 -17.01 8.74 9.15
N ASN A 197 -16.83 7.87 8.14
CA ASN A 197 -16.02 8.17 6.98
C ASN A 197 -14.55 8.31 7.47
N ASP A 198 -13.91 9.43 7.14
CA ASP A 198 -12.50 9.69 7.44
C ASP A 198 -12.32 10.59 8.66
N GLU A 199 -13.36 10.72 9.46
CA GLU A 199 -13.29 11.70 10.55
C GLU A 199 -13.90 11.23 11.85
N LEU A 200 -13.53 11.91 12.92
CA LEU A 200 -14.19 11.79 14.21
C LEU A 200 -15.21 12.93 14.40
N LYS A 201 -16.48 12.65 14.06
CA LYS A 201 -17.54 13.66 14.07
C LYS A 201 -18.03 13.95 15.48
N THR A 202 -17.68 15.11 16.01
CA THR A 202 -18.12 15.49 17.36
C THR A 202 -19.65 15.58 17.50
N LEU A 203 -20.19 14.80 18.44
CA LEU A 203 -21.63 14.74 18.65
C LEU A 203 -22.07 15.53 19.88
N VAL A 204 -21.33 15.40 20.98
CA VAL A 204 -21.69 16.07 22.23
C VAL A 204 -20.46 16.36 23.09
N LYS A 205 -20.57 17.41 23.90
CA LYS A 205 -19.48 17.93 24.71
C LYS A 205 -20.10 18.25 26.08
N GLY A 206 -19.39 17.95 27.16
CA GLY A 206 -19.95 18.11 28.51
C GLY A 206 -18.91 17.91 29.60
N ARG A 207 -19.32 18.02 30.86
CA ARG A 207 -18.34 18.07 31.96
C ARG A 207 -18.10 16.78 32.75
N GLY A 208 -19.17 16.06 33.08
CA GLY A 208 -19.07 14.87 33.92
C GLY A 208 -19.29 13.60 33.11
N ASN A 209 -19.23 12.45 33.78
CA ASN A 209 -19.50 11.18 33.12
C ASN A 209 -20.94 11.07 32.64
N LYS A 210 -21.81 11.94 33.18
CA LYS A 210 -23.21 11.97 32.76
C LYS A 210 -23.35 12.44 31.31
N THR A 211 -22.29 13.07 30.78
CA THR A 211 -22.23 13.40 29.36
C THR A 211 -22.37 12.11 28.54
N PHE A 212 -21.70 11.06 29.01
CA PHE A 212 -21.63 9.79 28.29
C PHE A 212 -22.92 8.97 28.43
N THR A 213 -23.49 8.95 29.62
CA THR A 213 -24.69 8.14 29.89
C THR A 213 -25.94 8.80 29.28
N LYS A 214 -25.99 10.14 29.31
CA LYS A 214 -27.07 10.88 28.64
C LYS A 214 -27.03 10.60 27.14
N TRP A 215 -25.83 10.71 26.55
CA TRP A 215 -25.65 10.44 25.12
C TRP A 215 -26.14 9.02 24.79
N LEU A 216 -25.68 8.04 25.58
CA LEU A 216 -25.97 6.63 25.35
C LEU A 216 -27.45 6.32 25.48
N ASP A 217 -28.09 6.84 26.53
CA ASP A 217 -29.54 6.72 26.69
C ASP A 217 -30.30 7.28 25.49
N SER A 218 -29.91 8.45 25.00
N SER A 218 -29.91 8.46 25.02
CA SER A 218 -30.58 9.07 23.83
CA SER A 218 -30.54 9.08 23.85
C SER A 218 -30.30 8.33 22.51
C SER A 218 -30.35 8.16 22.63
N TYR A 219 -29.11 7.73 22.40
CA TYR A 219 -28.81 6.84 21.28
C TYR A 219 -29.71 5.61 21.26
N LEU A 220 -29.73 4.89 22.39
CA LEU A 220 -30.53 3.68 22.51
C LEU A 220 -32.04 3.91 22.37
N ALA A 221 -32.53 5.01 22.95
CA ALA A 221 -33.94 5.35 22.85
C ALA A 221 -34.31 5.56 21.38
N LYS A 222 -33.44 6.22 20.63
CA LYS A 222 -33.71 6.53 19.22
C LYS A 222 -33.60 5.29 18.31
N ASN A 223 -32.61 4.44 18.58
CA ASN A 223 -32.12 3.48 17.57
C ASN A 223 -32.38 2.01 17.83
N SER A 224 -32.68 1.65 19.07
CA SER A 224 -32.70 0.22 19.48
C SER A 224 -33.92 -0.54 18.96
N HIS A 225 -34.94 0.18 18.49
CA HIS A 225 -36.06 -0.43 17.73
C HIS A 225 -35.55 -1.18 16.49
N ARG A 226 -34.41 -0.74 15.93
CA ARG A 226 -33.74 -1.50 14.87
C ARG A 226 -32.96 -2.64 15.54
N PRO A 227 -33.35 -3.91 15.30
CA PRO A 227 -32.64 -5.04 15.92
C PRO A 227 -31.12 -5.06 15.74
N ILE A 228 -30.44 -5.05 16.88
CA ILE A 228 -29.00 -5.13 16.97
C ILE A 228 -28.58 -6.58 16.90
N ALA A 229 -27.58 -6.87 16.08
CA ALA A 229 -27.05 -8.21 15.96
C ALA A 229 -26.00 -8.41 17.06
N GLU A 230 -25.32 -7.32 17.39
CA GLU A 230 -24.15 -7.41 18.26
C GLU A 230 -23.77 -6.03 18.75
N ILE A 231 -23.38 -5.94 20.02
CA ILE A 231 -22.90 -4.70 20.57
C ILE A 231 -21.72 -4.99 21.53
N ALA A 232 -20.69 -4.14 21.44
CA ALA A 232 -19.44 -4.31 22.17
C ALA A 232 -19.00 -2.97 22.81
N ILE A 233 -18.28 -3.04 23.93
CA ILE A 233 -17.70 -1.85 24.56
C ILE A 233 -16.23 -2.08 24.84
N SER A 234 -15.39 -1.08 24.54
CA SER A 234 -13.98 -1.13 24.96
C SER A 234 -13.65 0.10 25.75
N TYR A 235 -12.56 0.04 26.51
CA TYR A 235 -12.23 1.13 27.42
C TYR A 235 -10.72 1.26 27.56
N ALA A 236 -10.29 2.49 27.83
CA ALA A 236 -8.92 2.81 28.23
C ALA A 236 -9.00 3.42 29.63
N GLY A 237 -8.19 2.90 30.55
CA GLY A 237 -8.32 3.24 31.97
C GLY A 237 -8.90 2.09 32.77
N GLU A 238 -9.71 2.42 33.77
CA GLU A 238 -10.40 1.39 34.57
C GLU A 238 -11.77 1.06 33.97
N ALA A 239 -12.26 -0.13 34.26
CA ALA A 239 -13.47 -0.67 33.63
C ALA A 239 -14.77 -0.09 34.15
N SER A 240 -14.73 0.63 35.28
CA SER A 240 -16.00 1.04 35.91
C SER A 240 -16.95 1.79 34.96
N LEU A 241 -16.43 2.75 34.19
CA LEU A 241 -17.29 3.50 33.27
C LEU A 241 -17.94 2.59 32.20
N ALA A 242 -17.13 1.74 31.56
CA ALA A 242 -17.62 0.75 30.59
C ALA A 242 -18.73 -0.15 31.16
N LEU A 243 -18.55 -0.58 32.40
CA LEU A 243 -19.48 -1.49 33.05
C LEU A 243 -20.80 -0.77 33.37
N THR A 244 -20.68 0.49 33.77
CA THR A 244 -21.84 1.38 33.90
C THR A 244 -22.60 1.54 32.58
N LEU A 245 -21.86 1.65 31.49
CA LEU A 245 -22.46 1.75 30.15
C LEU A 245 -23.11 0.43 29.76
N LYS A 246 -22.45 -0.69 30.09
CA LYS A 246 -23.01 -1.99 29.78
C LYS A 246 -24.38 -2.19 30.43
N GLU A 247 -24.49 -1.73 31.68
CA GLU A 247 -25.71 -1.80 32.48
C GLU A 247 -26.85 -1.09 31.73
N ARG A 248 -26.56 0.09 31.17
CA ARG A 248 -27.54 0.86 30.39
C ARG A 248 -27.95 0.16 29.10
N ILE A 249 -26.97 -0.31 28.34
CA ILE A 249 -27.30 -1.08 27.14
C ILE A 249 -28.21 -2.28 27.48
N ALA A 250 -27.88 -2.99 28.56
CA ALA A 250 -28.63 -4.18 28.99
C ALA A 250 -30.13 -3.97 29.22
N ALA A 251 -30.56 -2.70 29.34
CA ALA A 251 -31.97 -2.38 29.59
C ALA A 251 -32.73 -2.32 28.27
N TYR A 252 -32.01 -2.15 27.17
CA TYR A 252 -32.56 -2.10 25.83
C TYR A 252 -32.22 -3.35 25.02
N TYR A 253 -31.25 -4.12 25.49
CA TYR A 253 -30.70 -5.18 24.65
C TYR A 253 -30.37 -6.40 25.50
N ASN A 254 -30.99 -7.52 25.13
CA ASN A 254 -31.03 -8.78 25.88
C ASN A 254 -29.78 -9.67 25.83
N HIS A 255 -28.98 -9.58 24.76
CA HIS A 255 -27.90 -10.56 24.53
C HIS A 255 -26.56 -10.17 25.20
N SER A 256 -25.58 -11.06 25.06
CA SER A 256 -24.24 -10.88 25.65
C SER A 256 -23.57 -9.62 25.10
N ILE A 257 -22.83 -8.90 25.95
CA ILE A 257 -22.07 -7.71 25.53
C ILE A 257 -20.59 -7.90 25.86
N SER A 258 -19.76 -7.96 24.82
CA SER A 258 -18.29 -8.03 24.97
C SER A 258 -17.64 -6.72 25.49
N VAL A 259 -17.14 -6.75 26.72
CA VAL A 259 -16.49 -5.58 27.31
C VAL A 259 -15.00 -5.90 27.48
N LEU A 260 -14.17 -5.24 26.67
CA LEU A 260 -12.75 -5.51 26.69
C LEU A 260 -11.92 -4.22 26.89
N GLU A 261 -10.75 -4.34 27.52
CA GLU A 261 -9.78 -3.24 27.53
C GLU A 261 -9.24 -3.10 26.10
N THR A 262 -9.15 -1.86 25.63
CA THR A 262 -8.58 -1.60 24.31
C THR A 262 -7.04 -1.77 24.32
N GLY A 263 -6.42 -1.85 23.15
CA GLY A 263 -4.97 -2.11 23.11
C GLY A 263 -4.14 -0.84 23.22
N SER A 264 -2.82 -1.00 23.33
CA SER A 264 -1.88 0.11 23.56
C SER A 264 -1.91 1.18 22.46
N ILE A 265 -2.19 0.74 21.24
CA ILE A 265 -2.21 1.64 20.10
C ILE A 265 -3.34 2.67 20.28
N ILE A 266 -4.52 2.18 20.64
CA ILE A 266 -5.68 3.02 20.88
C ILE A 266 -5.49 3.86 22.17
N GLN A 267 -5.06 3.23 23.26
CA GLN A 267 -4.84 3.91 24.55
C GLN A 267 -3.93 5.13 24.41
N THR A 268 -2.85 4.97 23.65
CA THR A 268 -1.90 6.05 23.44
C THR A 268 -2.58 7.30 22.86
N HIS A 269 -3.52 7.07 21.93
CA HIS A 269 -4.17 8.16 21.25
C HIS A 269 -5.43 8.71 21.92
N THR A 270 -6.06 7.92 22.77
CA THR A 270 -7.26 8.38 23.48
C THR A 270 -6.96 8.93 24.89
N GLY A 271 -5.97 8.34 25.54
CA GLY A 271 -5.72 8.56 26.96
C GLY A 271 -6.71 7.73 27.78
N GLU A 272 -6.54 7.78 29.10
CA GLU A 272 -7.44 7.20 30.11
C GLU A 272 -8.81 7.86 30.13
N GLY A 273 -9.81 7.13 30.63
CA GLY A 273 -11.17 7.65 30.69
C GLY A 273 -11.84 7.71 29.34
N ALA A 274 -11.39 6.86 28.42
CA ALA A 274 -12.05 6.75 27.12
C ALA A 274 -12.78 5.40 27.02
N PHE A 275 -13.76 5.34 26.12
CA PHE A 275 -14.51 4.11 25.87
C PHE A 275 -14.99 4.20 24.43
N ALA A 276 -15.39 3.06 23.88
CA ALA A 276 -16.13 3.02 22.63
C ALA A 276 -17.34 2.12 22.79
N VAL A 277 -18.45 2.53 22.16
CA VAL A 277 -19.60 1.66 22.02
C VAL A 277 -19.72 1.34 20.53
N VAL A 279 -21.57 -0.94 17.53
CA VAL A 279 -22.88 -1.55 17.33
C VAL A 279 -22.94 -2.09 15.91
N ARG A 280 -23.44 -3.33 15.76
CA ARG A 280 -23.70 -3.92 14.46
C ARG A 280 -25.16 -4.31 14.40
N TYR A 281 -25.89 -3.70 13.47
CA TYR A 281 -27.31 -4.01 13.29
C TYR A 281 -27.49 -5.26 12.46
N GLU A 282 -28.62 -5.94 12.62
CA GLU A 282 -28.99 -7.07 11.78
C GLU A 282 -29.07 -6.62 10.32
N ALA B 3 29.60 -13.51 5.67
CA ALA B 3 29.92 -14.95 5.39
C ALA B 3 29.78 -15.30 3.89
N GLY B 5 28.39 -12.97 1.84
CA GLY B 5 28.45 -11.65 1.21
C GLY B 5 27.16 -10.85 1.32
N THR B 6 27.18 -9.64 0.76
CA THR B 6 26.05 -8.72 0.82
C THR B 6 25.78 -8.23 -0.60
N ILE B 7 24.58 -8.49 -1.09
CA ILE B 7 24.21 -8.07 -2.44
C ILE B 7 23.27 -6.87 -2.40
N LYS B 8 23.52 -5.86 -3.24
CA LYS B 8 22.58 -4.73 -3.36
C LYS B 8 22.17 -4.50 -4.80
N ILE B 9 20.98 -3.95 -4.99
CA ILE B 9 20.42 -3.70 -6.30
C ILE B 9 20.50 -2.22 -6.62
N VAL B 10 20.93 -1.92 -7.85
CA VAL B 10 20.96 -0.58 -8.38
C VAL B 10 20.05 -0.56 -9.60
N THR B 11 19.33 0.56 -9.77
CA THR B 11 18.53 0.76 -10.96
C THR B 11 18.67 2.25 -11.39
N ASP B 12 17.91 2.66 -12.40
CA ASP B 12 17.88 4.06 -12.78
C ASP B 12 16.48 4.61 -12.58
N SER B 13 16.36 5.94 -12.64
CA SER B 13 15.14 6.66 -12.21
C SER B 13 14.01 6.58 -13.24
N SER B 14 14.26 5.89 -14.37
CA SER B 14 13.14 5.55 -15.26
C SER B 14 12.25 4.46 -14.65
N ILE B 15 12.67 3.85 -13.55
CA ILE B 15 11.76 2.94 -12.82
C ILE B 15 10.55 3.73 -12.30
N THR B 16 9.43 3.05 -12.22
CA THR B 16 8.23 3.64 -11.64
C THR B 16 7.79 2.73 -10.52
N ILE B 17 7.74 3.27 -9.31
CA ILE B 17 7.63 2.46 -8.11
C ILE B 17 7.32 3.38 -6.94
N GLU B 18 6.56 2.91 -5.95
CA GLU B 18 6.38 3.68 -4.71
C GLU B 18 7.68 3.81 -3.92
N PRO B 19 7.98 5.03 -3.41
CA PRO B 19 9.24 5.20 -2.67
C PRO B 19 9.34 4.33 -1.42
N GLU B 20 8.19 3.93 -0.85
CA GLU B 20 8.19 3.02 0.30
C GLU B 20 8.85 1.68 -0.02
N LEU B 21 8.68 1.22 -1.26
CA LEU B 21 9.29 -0.05 -1.66
C LEU B 21 10.80 0.12 -1.84
N ILE B 22 11.20 1.25 -2.46
CA ILE B 22 12.64 1.61 -2.56
C ILE B 22 13.28 1.59 -1.17
N LYS B 23 12.61 2.21 -0.19
CA LYS B 23 13.11 2.30 1.17
C LYS B 23 13.12 0.93 1.87
N ALA B 24 12.00 0.20 1.81
CA ALA B 24 11.89 -1.13 2.42
C ALA B 24 12.94 -2.12 1.85
N LEU B 25 13.27 -1.97 0.58
CA LEU B 25 14.19 -2.92 -0.06
C LEU B 25 15.61 -2.43 -0.28
N ASP B 26 15.92 -1.20 0.18
CA ASP B 26 17.27 -0.61 0.07
C ASP B 26 17.79 -0.64 -1.37
N ILE B 27 16.92 -0.21 -2.31
CA ILE B 27 17.28 -0.07 -3.72
C ILE B 27 17.94 1.29 -3.94
N THR B 28 19.05 1.28 -4.68
CA THR B 28 19.73 2.48 -5.07
C THR B 28 19.24 2.90 -6.44
N VAL B 29 18.63 4.09 -6.53
CA VAL B 29 18.16 4.62 -7.81
C VAL B 29 19.06 5.74 -8.33
N VAL B 30 19.80 5.46 -9.39
CA VAL B 30 20.68 6.46 -10.03
C VAL B 30 19.85 7.38 -10.94
N PRO B 31 19.88 8.71 -10.69
CA PRO B 31 19.02 9.57 -11.49
C PRO B 31 19.53 9.87 -12.90
N LEU B 32 18.61 9.86 -13.84
CA LEU B 32 18.84 10.57 -15.10
C LEU B 32 18.58 12.06 -14.87
N SER B 33 18.89 12.89 -15.88
CA SER B 33 18.67 14.34 -15.80
C SER B 33 17.64 14.80 -16.82
N VAL B 34 17.06 15.97 -16.57
CA VAL B 34 16.21 16.61 -17.58
C VAL B 34 16.39 18.14 -17.60
N ILE B 36 14.91 21.68 -18.53
CA ILE B 36 13.63 22.37 -18.72
C ILE B 36 13.92 23.86 -18.88
N ASP B 37 13.57 24.38 -20.05
CA ASP B 37 13.96 25.75 -20.43
C ASP B 37 15.34 26.16 -19.89
N SER B 38 16.35 25.44 -20.36
CA SER B 38 17.75 25.72 -20.06
C SER B 38 18.23 25.51 -18.62
N LYS B 39 17.38 24.94 -17.77
CA LYS B 39 17.83 24.57 -16.43
C LYS B 39 17.82 23.06 -16.23
N LEU B 40 18.87 22.54 -15.60
CA LEU B 40 19.06 21.10 -15.45
C LEU B 40 18.58 20.57 -14.09
N TYR B 41 17.71 19.57 -14.17
CA TYR B 41 17.11 18.96 -12.98
C TYR B 41 17.52 17.51 -12.85
N SER B 42 17.75 17.06 -11.63
CA SER B 42 17.86 15.63 -11.37
C SER B 42 16.46 15.02 -11.35
N ASP B 43 16.31 13.89 -12.04
CA ASP B 43 14.99 13.24 -12.13
C ASP B 43 14.53 12.76 -10.75
N ASN B 44 15.47 12.50 -9.85
CA ASN B 44 15.11 12.11 -8.50
C ASN B 44 14.44 13.24 -7.71
N ASP B 45 14.54 14.47 -8.21
CA ASP B 45 13.87 15.63 -7.62
C ASP B 45 12.51 15.92 -8.25
N LEU B 46 12.11 15.05 -9.18
CA LEU B 46 10.89 15.26 -9.97
C LEU B 46 9.84 14.15 -9.81
N LYS B 47 9.74 13.57 -8.64
CA LYS B 47 8.87 12.42 -8.41
C LYS B 47 7.51 12.80 -7.77
N GLU B 48 7.35 14.06 -7.37
CA GLU B 48 6.12 14.48 -6.71
C GLU B 48 4.98 14.50 -7.75
N GLU B 49 3.87 13.84 -7.42
CA GLU B 49 2.79 13.63 -8.39
C GLU B 49 2.33 14.90 -9.10
N GLY B 50 2.36 14.85 -10.43
CA GLY B 50 1.85 15.95 -11.24
C GLY B 50 2.82 17.10 -11.42
N HIS B 51 3.90 17.14 -10.63
CA HIS B 51 4.80 18.32 -10.62
C HIS B 51 5.56 18.47 -11.92
N PHE B 52 6.11 17.39 -12.45
CA PHE B 52 6.76 17.48 -13.76
C PHE B 52 5.81 17.77 -14.91
N LEU B 53 4.61 17.21 -14.84
CA LEU B 53 3.58 17.48 -15.85
C LEU B 53 3.32 18.97 -15.97
N SER B 54 3.23 19.66 -14.84
CA SER B 54 3.01 21.13 -14.82
C SER B 54 4.21 21.85 -15.47
N LEU B 55 5.41 21.39 -15.13
CA LEU B 55 6.66 21.93 -15.69
C LEU B 55 6.74 21.73 -17.20
N LYS B 57 4.10 21.16 -19.29
CA LYS B 57 2.99 21.89 -19.92
C LYS B 57 3.28 23.39 -20.03
N ALA B 58 3.99 23.94 -19.06
CA ALA B 58 4.28 25.37 -19.03
C ALA B 58 5.57 25.76 -19.75
N SER B 59 6.44 24.81 -20.07
CA SER B 59 7.74 25.18 -20.63
C SER B 59 7.64 25.76 -22.04
N LYS B 60 8.57 26.65 -22.35
CA LYS B 60 8.60 27.30 -23.67
C LYS B 60 9.12 26.40 -24.79
N SER B 61 9.86 25.35 -24.46
CA SER B 61 10.19 24.31 -25.44
C SER B 61 10.26 22.94 -24.76
N LEU B 62 10.21 21.85 -25.53
CA LEU B 62 10.21 20.51 -24.94
C LEU B 62 11.41 20.29 -24.03
N PRO B 63 11.17 19.69 -22.85
CA PRO B 63 12.27 19.28 -21.99
C PRO B 63 13.16 18.27 -22.72
N LYS B 64 14.40 18.14 -22.30
CA LYS B 64 15.37 17.24 -22.93
C LYS B 64 16.03 16.38 -21.86
N THR B 65 16.00 15.07 -22.05
CA THR B 65 16.58 14.12 -21.08
C THR B 65 18.03 13.79 -21.36
N SER B 66 18.74 13.36 -20.33
CA SER B 66 20.11 12.88 -20.45
C SER B 66 20.28 11.66 -19.57
N GLN B 67 21.04 10.67 -20.04
CA GLN B 67 21.42 9.51 -19.23
C GLN B 67 22.30 9.99 -18.06
N PRO B 68 22.47 9.17 -17.00
CA PRO B 68 23.31 9.66 -15.88
C PRO B 68 24.80 9.74 -16.27
N PRO B 69 25.55 10.72 -15.74
CA PRO B 69 26.98 10.75 -16.09
C PRO B 69 27.71 9.46 -15.66
N VAL B 70 28.71 9.06 -16.43
CA VAL B 70 29.54 7.91 -16.08
C VAL B 70 30.14 8.05 -14.67
N GLY B 71 30.63 9.25 -14.34
CA GLY B 71 31.17 9.60 -13.01
C GLY B 71 30.20 9.44 -11.86
N LEU B 72 28.92 9.68 -12.12
CA LEU B 72 27.89 9.48 -11.10
C LEU B 72 27.68 7.98 -10.79
N PHE B 73 27.63 7.14 -11.83
CA PHE B 73 27.61 5.68 -11.61
C PHE B 73 28.88 5.22 -10.86
N ALA B 74 30.05 5.69 -11.31
CA ALA B 74 31.32 5.37 -10.67
C ALA B 74 31.28 5.66 -9.16
N GLU B 75 30.85 6.86 -8.78
CA GLU B 75 30.78 7.23 -7.35
C GLU B 75 29.74 6.43 -6.61
N THR B 76 28.57 6.23 -7.25
CA THR B 76 27.53 5.37 -6.67
C THR B 76 28.07 3.98 -6.30
N TYR B 77 28.82 3.37 -7.22
CA TYR B 77 29.32 2.01 -7.01
C TYR B 77 30.45 1.98 -5.99
N GLU B 78 31.32 2.99 -6.04
CA GLU B 78 32.39 3.16 -5.05
C GLU B 78 31.80 3.25 -3.63
N ASN B 79 30.76 4.06 -3.44
CA ASN B 79 30.07 4.18 -2.14
C ASN B 79 29.51 2.86 -1.62
N LEU B 80 28.88 2.10 -2.53
CA LEU B 80 28.38 0.75 -2.19
C LEU B 80 29.50 -0.22 -1.77
N VAL B 81 30.58 -0.30 -2.53
CA VAL B 81 31.74 -1.11 -2.11
C VAL B 81 32.24 -0.69 -0.71
N LYS B 82 32.33 0.62 -0.47
CA LYS B 82 32.79 1.19 0.82
C LYS B 82 31.91 0.80 2.00
N LYS B 83 30.65 0.51 1.71
CA LYS B 83 29.67 0.05 2.68
C LYS B 83 29.72 -1.47 2.88
N GLY B 84 30.59 -2.15 2.16
CA GLY B 84 30.78 -3.59 2.33
C GLY B 84 29.98 -4.45 1.37
N VAL B 85 29.45 -3.84 0.31
CA VAL B 85 28.64 -4.60 -0.63
C VAL B 85 29.61 -5.43 -1.50
N THR B 86 29.37 -6.73 -1.61
CA THR B 86 30.30 -7.64 -2.31
C THR B 86 29.87 -8.00 -3.74
N ASP B 87 28.60 -7.73 -4.06
CA ASP B 87 28.06 -7.93 -5.40
C ASP B 87 26.93 -6.96 -5.61
N ILE B 88 26.92 -6.30 -6.76
CA ILE B 88 25.91 -5.31 -7.09
C ILE B 88 25.26 -5.80 -8.37
N VAL B 89 23.93 -5.88 -8.37
CA VAL B 89 23.19 -6.15 -9.59
C VAL B 89 22.53 -4.85 -10.07
N ALA B 90 22.92 -4.39 -11.25
CA ALA B 90 22.39 -3.17 -11.82
C ALA B 90 21.43 -3.53 -12.94
N ILE B 91 20.17 -3.13 -12.78
CA ILE B 91 19.13 -3.38 -13.76
C ILE B 91 18.68 -2.07 -14.40
N HIS B 92 18.74 -1.99 -15.74
CA HIS B 92 18.49 -0.72 -16.41
C HIS B 92 17.47 -0.75 -17.54
N LEU B 93 16.96 0.42 -17.92
CA LEU B 93 15.99 0.50 -19.03
C LEU B 93 16.69 0.04 -20.30
N SER B 94 15.88 -0.40 -21.28
CA SER B 94 16.39 -1.00 -22.51
C SER B 94 17.40 -0.09 -23.22
N PRO B 95 18.50 -0.67 -23.77
CA PRO B 95 19.40 0.12 -24.61
C PRO B 95 18.70 0.66 -25.86
N ALA B 96 17.55 0.09 -26.24
CA ALA B 96 16.79 0.65 -27.35
C ALA B 96 16.30 2.06 -27.01
N LEU B 97 16.15 2.35 -25.72
CA LEU B 97 15.58 3.63 -25.27
C LEU B 97 16.64 4.65 -24.84
N SER B 98 17.71 4.15 -24.23
CA SER B 98 18.71 5.04 -23.58
C SER B 98 20.08 4.38 -23.53
N GLY B 99 21.13 5.21 -23.52
CA GLY B 99 22.51 4.71 -23.35
C GLY B 99 22.86 4.58 -21.86
N THR B 100 21.86 4.74 -20.98
CA THR B 100 22.07 4.65 -19.53
C THR B 100 22.81 3.38 -19.13
N ILE B 101 22.43 2.26 -19.76
CA ILE B 101 22.99 0.96 -19.44
C ILE B 101 24.51 0.90 -19.76
N GLU B 102 24.92 1.54 -20.85
CA GLU B 102 26.36 1.66 -21.16
C GLU B 102 27.12 2.46 -20.12
N ALA B 103 26.56 3.61 -19.72
CA ALA B 103 27.16 4.46 -18.69
C ALA B 103 27.31 3.71 -17.39
N SER B 104 26.32 2.87 -17.08
CA SER B 104 26.34 2.09 -15.87
C SER B 104 27.57 1.18 -15.88
N ARG B 105 27.70 0.43 -16.97
CA ARG B 105 28.83 -0.48 -17.17
C ARG B 105 30.17 0.28 -17.13
N GLN B 106 30.26 1.42 -17.83
CA GLN B 106 31.49 2.23 -17.83
C GLN B 106 31.85 2.77 -16.43
N GLY B 107 30.83 3.18 -15.67
CA GLY B 107 31.01 3.64 -14.29
C GLY B 107 31.48 2.54 -13.37
N ALA B 108 30.91 1.35 -13.53
CA ALA B 108 31.35 0.16 -12.81
C ALA B 108 32.83 -0.16 -13.09
N GLU B 109 33.22 -0.06 -14.38
CA GLU B 109 34.62 -0.24 -14.79
C GLU B 109 35.57 0.71 -14.08
N ILE B 110 35.20 2.00 -14.06
CA ILE B 110 36.01 3.01 -13.40
C ILE B 110 36.11 2.69 -11.91
N ALA B 111 34.98 2.36 -11.30
CA ALA B 111 34.94 2.05 -9.86
C ALA B 111 35.64 0.75 -9.49
N GLU B 112 35.97 -0.08 -10.50
CA GLU B 112 36.47 -1.44 -10.26
C GLU B 112 35.52 -2.24 -9.33
N ALA B 113 34.22 -2.04 -9.54
CA ALA B 113 33.18 -2.57 -8.65
C ALA B 113 32.59 -3.90 -9.17
N PRO B 114 32.15 -4.79 -8.26
CA PRO B 114 31.59 -6.07 -8.71
C PRO B 114 30.13 -5.96 -9.21
N VAL B 115 29.96 -5.28 -10.33
CA VAL B 115 28.63 -5.00 -10.83
C VAL B 115 28.27 -5.98 -11.96
N THR B 116 27.10 -6.60 -11.83
CA THR B 116 26.52 -7.34 -12.92
C THR B 116 25.45 -6.46 -13.53
N VAL B 117 25.69 -6.01 -14.76
CA VAL B 117 24.79 -5.06 -15.43
C VAL B 117 23.78 -5.79 -16.31
N LEU B 118 22.50 -5.62 -16.03
CA LEU B 118 21.44 -6.27 -16.76
C LEU B 118 20.54 -5.30 -17.54
N ASP B 119 20.24 -5.67 -18.78
CA ASP B 119 19.18 -5.04 -19.57
C ASP B 119 17.85 -5.64 -19.13
N SER B 120 16.99 -4.82 -18.54
CA SER B 120 15.65 -5.24 -18.15
C SER B 120 14.78 -5.57 -19.37
N GLY B 121 15.09 -4.95 -20.51
CA GLY B 121 14.26 -5.03 -21.72
C GLY B 121 13.10 -4.04 -21.71
N PHE B 122 12.90 -3.35 -20.60
CA PHE B 122 11.74 -2.48 -20.43
C PHE B 122 12.15 -1.18 -19.74
N THR B 123 11.28 -0.67 -18.87
CA THR B 123 11.48 0.55 -18.10
C THR B 123 10.25 0.60 -17.19
N ASP B 124 10.09 1.67 -16.42
CA ASP B 124 8.82 1.98 -15.71
C ASP B 124 8.47 0.82 -14.75
N GLN B 125 7.21 0.38 -14.71
CA GLN B 125 6.82 -0.66 -13.75
C GLN B 125 7.18 -2.07 -14.20
N ALA B 126 7.31 -2.29 -15.51
CA ALA B 126 7.78 -3.59 -16.00
C ALA B 126 9.21 -3.86 -15.51
N LYS B 128 10.34 -2.44 -12.77
CA LYS B 128 10.06 -2.61 -11.35
C LYS B 128 9.93 -4.08 -10.97
N PHE B 129 9.17 -4.86 -11.75
CA PHE B 129 8.98 -6.31 -11.50
C PHE B 129 10.31 -7.03 -11.20
N GLN B 130 11.35 -6.74 -12.00
CA GLN B 130 12.66 -7.38 -11.88
C GLN B 130 13.42 -6.85 -10.67
N VAL B 131 13.42 -5.52 -10.53
CA VAL B 131 14.17 -4.83 -9.48
C VAL B 131 13.66 -5.23 -8.08
N VAL B 132 12.33 -5.36 -7.92
CA VAL B 132 11.77 -5.67 -6.60
C VAL B 132 12.08 -7.11 -6.24
N GLU B 133 11.91 -8.00 -7.21
CA GLU B 133 12.25 -9.39 -7.00
C GLU B 133 13.74 -9.54 -6.62
N ALA B 134 14.63 -8.94 -7.40
CA ALA B 134 16.07 -9.04 -7.14
C ALA B 134 16.43 -8.48 -5.73
N ALA B 135 15.82 -7.35 -5.37
CA ALA B 135 16.07 -6.69 -4.08
C ALA B 135 15.52 -7.47 -2.89
N LYS B 136 14.33 -8.03 -3.05
CA LYS B 136 13.73 -8.88 -2.03
C LYS B 136 14.62 -10.10 -1.77
N ALA B 138 17.94 -10.40 -2.55
CA ALA B 138 19.22 -9.94 -1.97
C ALA B 138 19.10 -9.70 -0.45
N LYS B 139 17.99 -9.07 -0.03
CA LYS B 139 17.75 -8.88 1.40
C LYS B 139 17.64 -10.22 2.14
N ALA B 140 17.04 -11.22 1.50
CA ALA B 140 16.87 -12.57 2.08
C ALA B 140 18.18 -13.40 2.11
N GLY B 141 19.25 -12.90 1.52
CA GLY B 141 20.52 -13.66 1.44
C GLY B 141 20.60 -14.66 0.30
N ALA B 142 19.78 -14.51 -0.72
CA ALA B 142 19.92 -15.35 -1.93
C ALA B 142 21.30 -15.20 -2.60
N SER B 143 21.76 -16.22 -3.31
CA SER B 143 23.02 -16.12 -4.03
C SER B 143 22.86 -15.27 -5.28
N LEU B 144 23.97 -14.73 -5.79
CA LEU B 144 23.97 -13.98 -7.04
C LEU B 144 23.30 -14.76 -8.18
N ASN B 145 23.66 -16.03 -8.34
CA ASN B 145 23.09 -16.87 -9.40
C ASN B 145 21.58 -17.07 -9.29
N GLU B 146 21.07 -17.25 -8.06
CA GLU B 146 19.62 -17.38 -7.86
C GLU B 146 18.90 -16.09 -8.25
N ILE B 147 19.46 -14.95 -7.83
CA ILE B 147 18.91 -13.64 -8.21
C ILE B 147 18.90 -13.47 -9.74
N LEU B 148 20.01 -13.78 -10.39
CA LEU B 148 20.10 -13.67 -11.84
C LEU B 148 19.09 -14.53 -12.60
N ALA B 149 18.95 -15.79 -12.21
CA ALA B 149 17.92 -16.70 -12.75
C ALA B 149 16.49 -16.17 -12.58
N ALA B 150 16.19 -15.70 -11.38
CA ALA B 150 14.86 -15.16 -11.08
C ALA B 150 14.54 -13.91 -11.92
N VAL B 151 15.53 -13.03 -12.11
CA VAL B 151 15.34 -11.82 -12.91
C VAL B 151 15.06 -12.17 -14.37
N GLN B 152 15.84 -13.10 -14.91
CA GLN B 152 15.67 -13.54 -16.28
C GLN B 152 14.31 -14.16 -16.49
N ALA B 153 13.87 -14.96 -15.51
CA ALA B 153 12.55 -15.62 -15.55
C ALA B 153 11.44 -14.56 -15.68
N ILE B 154 11.49 -13.55 -14.81
CA ILE B 154 10.51 -12.44 -14.80
C ILE B 154 10.53 -11.70 -16.15
N LYS B 155 11.73 -11.35 -16.59
CA LYS B 155 11.93 -10.68 -17.88
C LYS B 155 11.32 -11.48 -19.03
N SER B 156 11.53 -12.80 -19.03
CA SER B 156 11.04 -13.68 -20.10
C SER B 156 9.51 -13.80 -20.11
N LYS B 157 8.84 -13.42 -19.01
CA LYS B 157 7.38 -13.57 -18.88
C LYS B 157 6.65 -12.21 -18.83
N THR B 158 7.39 -11.15 -19.15
CA THR B 158 6.87 -9.78 -19.11
C THR B 158 6.54 -9.25 -20.51
N GLU B 159 5.44 -8.53 -20.63
CA GLU B 159 5.10 -7.75 -21.85
C GLU B 159 4.79 -6.28 -21.49
N LEU B 160 5.13 -5.36 -22.39
CA LEU B 160 4.85 -3.94 -22.22
C LEU B 160 4.19 -3.37 -23.48
N TYR B 161 2.99 -2.78 -23.29
CA TYR B 161 2.22 -2.12 -24.34
C TYR B 161 2.08 -0.66 -23.94
N ILE B 162 2.38 0.24 -24.87
CA ILE B 162 2.32 1.65 -24.58
C ILE B 162 1.40 2.31 -25.60
N GLY B 163 0.47 3.14 -25.12
CA GLY B 163 -0.36 3.93 -26.05
C GLY B 163 0.04 5.40 -25.99
N VAL B 164 0.05 6.10 -27.13
CA VAL B 164 0.27 7.57 -27.13
C VAL B 164 -0.89 8.24 -27.83
N SER B 165 -1.08 9.54 -27.55
CA SER B 165 -2.18 10.31 -28.12
C SER B 165 -1.61 11.33 -29.12
N THR B 166 -0.27 11.35 -29.23
CA THR B 166 0.45 12.21 -30.16
C THR B 166 1.83 11.61 -30.42
N LEU B 167 2.39 11.92 -31.57
CA LEU B 167 3.73 11.43 -31.95
C LEU B 167 4.77 12.52 -31.77
N GLU B 168 4.35 13.70 -31.33
CA GLU B 168 5.27 14.84 -31.29
C GLU B 168 6.46 14.61 -30.36
N ASN B 169 6.21 14.11 -29.15
CA ASN B 169 7.29 13.86 -28.21
C ASN B 169 8.27 12.78 -28.69
N LEU B 170 7.74 11.71 -29.28
CA LEU B 170 8.56 10.67 -29.89
C LEU B 170 9.43 11.19 -31.03
N VAL B 171 8.86 12.07 -31.87
CA VAL B 171 9.61 12.69 -32.97
C VAL B 171 10.67 13.63 -32.40
N LYS B 172 10.26 14.55 -31.54
CA LYS B 172 11.18 15.56 -31.07
C LYS B 172 12.30 15.00 -30.18
N GLY B 173 12.02 13.95 -29.41
CA GLY B 173 13.05 13.28 -28.58
C GLY B 173 13.86 12.19 -29.29
N GLY B 174 13.46 11.84 -30.50
CA GLY B 174 14.22 10.90 -31.32
C GLY B 174 13.76 9.46 -31.24
N ARG B 175 12.93 9.12 -30.24
CA ARG B 175 12.57 7.70 -30.07
C ARG B 175 11.55 7.17 -31.08
N ILE B 176 11.04 8.06 -31.93
CA ILE B 176 10.28 7.67 -33.13
C ILE B 176 11.13 6.75 -34.04
N GLY B 177 12.45 6.88 -33.95
CA GLY B 177 13.39 5.98 -34.66
C GLY B 177 13.28 4.52 -34.27
N ARG B 178 12.67 4.23 -33.10
CA ARG B 178 12.43 2.87 -32.63
C ARG B 178 11.08 2.32 -33.05
N VAL B 179 10.21 3.20 -33.52
CA VAL B 179 8.84 2.83 -33.89
C VAL B 179 8.83 2.19 -35.29
N THR B 180 8.24 1.01 -35.37
CA THR B 180 8.25 0.24 -36.61
C THR B 180 6.83 0.05 -37.07
N GLY B 181 6.57 0.44 -38.31
CA GLY B 181 5.35 0.11 -39.03
C GLY B 181 4.16 1.05 -38.92
N VAL B 182 4.42 2.34 -38.66
CA VAL B 182 3.35 3.32 -38.52
C VAL B 182 3.30 4.27 -39.73
N ASN B 188 -0.82 13.84 -34.50
CA ASN B 188 -1.88 13.64 -33.53
C ASN B 188 -2.94 12.67 -34.04
N VAL B 189 -2.53 11.37 -33.38
CA VAL B 189 -3.23 10.11 -33.64
C VAL B 189 -3.00 9.17 -32.44
N LYS B 190 -3.97 8.29 -32.16
CA LYS B 190 -3.80 7.25 -31.13
C LYS B 190 -3.09 6.00 -31.69
N VAL B 191 -2.05 5.56 -30.99
CA VAL B 191 -1.21 4.44 -31.44
C VAL B 191 -0.88 3.55 -30.25
N VAL B 192 -1.01 2.24 -30.45
CA VAL B 192 -0.55 1.28 -29.43
C VAL B 192 0.65 0.52 -30.01
N ALA B 194 3.95 -2.41 -28.92
CA ALA B 194 4.60 -3.32 -28.00
C ALA B 194 6.09 -3.01 -27.96
N LEU B 195 6.67 -2.99 -26.76
CA LEU B 195 8.11 -2.84 -26.59
C LEU B 195 8.69 -4.23 -26.65
N LYS B 196 9.35 -4.52 -27.76
CA LYS B 196 9.61 -5.88 -28.21
C LYS B 196 10.98 -5.85 -28.80
N ASN B 197 11.95 -6.49 -28.16
CA ASN B 197 13.35 -6.45 -28.60
C ASN B 197 13.91 -5.01 -28.50
N ASP B 198 14.32 -4.42 -29.62
CA ASP B 198 14.94 -3.09 -29.66
C ASP B 198 14.00 -2.04 -30.27
N GLU B 199 12.71 -2.37 -30.29
CA GLU B 199 11.73 -1.67 -31.13
C GLU B 199 10.45 -1.34 -30.40
N LEU B 200 9.78 -0.31 -30.87
CA LEU B 200 8.37 -0.09 -30.54
C LEU B 200 7.49 -0.56 -31.70
N LYS B 201 6.94 -1.75 -31.55
CA LYS B 201 6.26 -2.40 -32.66
C LYS B 201 4.80 -1.91 -32.74
N THR B 202 4.47 -1.18 -33.80
CA THR B 202 3.12 -0.64 -33.94
C THR B 202 2.06 -1.74 -34.08
N LEU B 203 1.08 -1.75 -33.18
CA LEU B 203 0.02 -2.77 -33.25
C LEU B 203 -1.29 -2.27 -33.84
N VAL B 204 -1.79 -1.13 -33.35
CA VAL B 204 -3.00 -0.50 -33.86
C VAL B 204 -2.83 1.02 -33.87
N LYS B 205 -3.47 1.68 -34.84
CA LYS B 205 -3.52 3.14 -34.87
C LYS B 205 -4.98 3.52 -35.08
N GLY B 206 -5.35 4.72 -34.66
CA GLY B 206 -6.75 5.11 -34.70
C GLY B 206 -7.05 6.41 -34.00
N ARG B 207 -8.34 6.69 -33.89
CA ARG B 207 -8.79 7.94 -33.30
C ARG B 207 -9.75 7.66 -32.15
N GLY B 208 -9.62 8.45 -31.09
CA GLY B 208 -10.45 8.32 -29.91
C GLY B 208 -9.84 7.35 -28.93
N ASN B 209 -10.05 7.61 -27.65
CA ASN B 209 -9.59 6.70 -26.60
C ASN B 209 -10.11 5.29 -26.79
N LYS B 210 -11.09 5.14 -27.67
CA LYS B 210 -11.67 3.84 -28.00
C LYS B 210 -10.67 2.90 -28.69
N THR B 211 -9.68 3.48 -29.36
CA THR B 211 -8.56 2.72 -29.92
C THR B 211 -7.90 1.89 -28.82
N PHE B 212 -7.77 2.50 -27.65
CA PHE B 212 -7.06 1.91 -26.54
C PHE B 212 -7.89 0.84 -25.83
N THR B 213 -9.18 1.10 -25.64
CA THR B 213 -10.01 0.14 -24.91
C THR B 213 -10.35 -1.09 -25.77
N LYS B 214 -10.58 -0.87 -27.07
CA LYS B 214 -10.77 -1.96 -28.01
C LYS B 214 -9.52 -2.82 -28.07
N TRP B 215 -8.34 -2.17 -28.16
CA TRP B 215 -7.09 -2.91 -28.14
C TRP B 215 -7.00 -3.77 -26.85
N LEU B 216 -7.21 -3.15 -25.68
CA LEU B 216 -7.05 -3.83 -24.40
C LEU B 216 -8.02 -4.98 -24.27
N ASP B 217 -9.27 -4.73 -24.63
CA ASP B 217 -10.31 -5.77 -24.67
C ASP B 217 -9.90 -7.00 -25.49
N SER B 218 -9.38 -6.78 -26.69
CA SER B 218 -8.96 -7.89 -27.55
C SER B 218 -7.75 -8.61 -26.93
N TYR B 219 -6.81 -7.85 -26.36
CA TYR B 219 -5.65 -8.46 -25.71
C TYR B 219 -6.06 -9.41 -24.59
N LEU B 220 -6.89 -8.91 -23.66
CA LEU B 220 -7.34 -9.69 -22.52
C LEU B 220 -8.18 -10.90 -22.90
N ALA B 221 -9.01 -10.76 -23.92
CA ALA B 221 -9.85 -11.86 -24.36
C ALA B 221 -8.96 -12.99 -24.90
N LYS B 222 -7.92 -12.61 -25.63
CA LYS B 222 -7.01 -13.59 -26.21
C LYS B 222 -6.10 -14.26 -25.17
N ASN B 223 -5.63 -13.47 -24.21
CA ASN B 223 -4.45 -13.84 -23.42
C ASN B 223 -4.65 -14.18 -21.95
N SER B 224 -5.75 -13.70 -21.35
CA SER B 224 -5.96 -13.80 -19.89
C SER B 224 -6.21 -15.23 -19.41
N HIS B 225 -6.54 -16.15 -20.32
CA HIS B 225 -6.56 -17.58 -19.99
C HIS B 225 -5.20 -18.06 -19.45
N ARG B 226 -4.11 -17.39 -19.85
CA ARG B 226 -2.80 -17.67 -19.26
C ARG B 226 -2.70 -16.88 -17.96
N PRO B 227 -2.63 -17.58 -16.80
CA PRO B 227 -2.61 -16.88 -15.50
C PRO B 227 -1.56 -15.78 -15.37
N ILE B 228 -2.06 -14.60 -15.03
CA ILE B 228 -1.23 -13.42 -14.90
C ILE B 228 -0.77 -13.36 -13.48
N ALA B 229 0.53 -13.19 -13.27
CA ALA B 229 1.06 -13.05 -11.92
C ALA B 229 0.88 -11.61 -11.43
N GLU B 230 0.97 -10.67 -12.35
CA GLU B 230 1.05 -9.25 -12.00
C GLU B 230 0.72 -8.41 -13.21
N ILE B 231 -0.11 -7.38 -13.01
CA ILE B 231 -0.40 -6.42 -14.05
C ILE B 231 -0.34 -4.98 -13.49
N ALA B 232 0.30 -4.07 -14.23
CA ALA B 232 0.47 -2.66 -13.81
C ALA B 232 0.13 -1.69 -14.95
N ILE B 233 -0.29 -0.47 -14.58
CA ILE B 233 -0.58 0.59 -15.55
C ILE B 233 0.12 1.86 -15.09
N SER B 234 0.80 2.55 -16.00
CA SER B 234 1.34 3.89 -15.73
C SER B 234 0.79 4.86 -16.73
N TYR B 235 0.85 6.15 -16.42
CA TYR B 235 0.22 7.14 -17.29
C TYR B 235 1.02 8.43 -17.27
N ALA B 236 0.93 9.15 -18.38
CA ALA B 236 1.43 10.50 -18.48
C ALA B 236 0.23 11.40 -18.80
N GLY B 237 0.03 12.42 -17.98
CA GLY B 237 -1.15 13.26 -18.08
C GLY B 237 -2.03 13.07 -16.85
N GLU B 238 -3.33 13.12 -17.07
CA GLU B 238 -4.31 12.87 -16.03
C GLU B 238 -4.63 11.38 -15.97
N ALA B 239 -5.03 10.91 -14.79
CA ALA B 239 -5.22 9.49 -14.48
C ALA B 239 -6.48 8.86 -15.09
N SER B 240 -7.44 9.68 -15.53
CA SER B 240 -8.76 9.10 -15.88
C SER B 240 -8.68 7.95 -16.90
N LEU B 241 -7.81 8.06 -17.91
CA LEU B 241 -7.71 7.00 -18.92
C LEU B 241 -7.18 5.72 -18.30
N ALA B 242 -6.09 5.83 -17.53
CA ALA B 242 -5.52 4.67 -16.85
C ALA B 242 -6.56 3.96 -15.97
N LEU B 243 -7.36 4.75 -15.25
CA LEU B 243 -8.34 4.21 -14.32
C LEU B 243 -9.48 3.49 -15.08
N THR B 244 -9.82 4.02 -16.26
CA THR B 244 -10.75 3.39 -17.18
C THR B 244 -10.19 2.04 -17.68
N LEU B 245 -8.92 2.04 -18.09
CA LEU B 245 -8.24 0.80 -18.45
C LEU B 245 -8.21 -0.18 -17.28
N LYS B 246 -7.92 0.32 -16.07
CA LYS B 246 -7.88 -0.53 -14.87
C LYS B 246 -9.20 -1.27 -14.64
N GLU B 247 -10.32 -0.58 -14.86
CA GLU B 247 -11.62 -1.18 -14.67
C GLU B 247 -11.88 -2.27 -15.68
N ARG B 248 -11.37 -2.09 -16.89
CA ARG B 248 -11.47 -3.07 -17.95
C ARG B 248 -10.63 -4.32 -17.64
N ILE B 249 -9.39 -4.13 -17.19
CA ILE B 249 -8.58 -5.25 -16.72
C ILE B 249 -9.27 -6.02 -15.57
N ALA B 250 -9.93 -5.29 -14.68
CA ALA B 250 -10.56 -5.85 -13.49
C ALA B 250 -11.67 -6.86 -13.76
N ALA B 251 -12.22 -6.84 -14.98
CA ALA B 251 -13.24 -7.79 -15.39
C ALA B 251 -12.63 -9.18 -15.61
N TYR B 252 -11.34 -9.21 -15.95
CA TYR B 252 -10.60 -10.42 -16.33
C TYR B 252 -9.62 -10.91 -15.25
N TYR B 253 -9.27 -10.01 -14.34
CA TYR B 253 -8.20 -10.25 -13.40
C TYR B 253 -8.64 -9.59 -12.13
N ASN B 254 -8.59 -10.29 -11.00
CA ASN B 254 -9.18 -9.79 -9.75
C ASN B 254 -8.21 -9.46 -8.61
N HIS B 255 -6.91 -9.40 -8.90
CA HIS B 255 -5.97 -8.96 -7.89
C HIS B 255 -5.66 -7.47 -8.02
N SER B 256 -4.81 -7.00 -7.13
CA SER B 256 -4.46 -5.58 -7.07
C SER B 256 -3.79 -5.15 -8.38
N ILE B 257 -4.09 -3.95 -8.87
CA ILE B 257 -3.44 -3.40 -10.06
C ILE B 257 -2.78 -2.06 -9.68
N SER B 258 -1.44 -2.03 -9.76
CA SER B 258 -0.66 -0.81 -9.48
C SER B 258 -0.80 0.24 -10.59
N VAL B 259 -1.46 1.36 -10.28
CA VAL B 259 -1.65 2.44 -11.26
C VAL B 259 -0.87 3.64 -10.75
N LEU B 260 0.22 3.98 -11.46
CA LEU B 260 1.10 5.05 -11.04
C LEU B 260 1.33 6.07 -12.16
N GLU B 261 1.57 7.34 -11.81
CA GLU B 261 2.06 8.33 -12.79
C GLU B 261 3.51 7.94 -13.17
N THR B 262 3.82 7.95 -14.47
CA THR B 262 5.17 7.67 -14.93
C THR B 262 6.13 8.84 -14.62
N GLY B 263 7.45 8.59 -14.69
CA GLY B 263 8.42 9.63 -14.31
C GLY B 263 8.70 10.62 -15.44
N SER B 264 9.43 11.69 -15.10
CA SER B 264 9.70 12.80 -16.05
C SER B 264 10.43 12.35 -17.31
N ILE B 265 11.28 11.33 -17.16
CA ILE B 265 12.06 10.84 -18.29
C ILE B 265 11.13 10.24 -19.35
N ILE B 266 10.17 9.43 -18.92
CA ILE B 266 9.21 8.85 -19.86
C ILE B 266 8.22 9.90 -20.41
N GLN B 267 7.67 10.77 -19.53
CA GLN B 267 6.71 11.81 -19.94
C GLN B 267 7.25 12.71 -21.05
N THR B 268 8.52 13.09 -20.94
CA THR B 268 9.21 13.89 -21.93
C THR B 268 9.11 13.24 -23.31
N HIS B 269 9.24 11.92 -23.35
CA HIS B 269 9.34 11.22 -24.62
C HIS B 269 8.00 10.74 -25.16
N THR B 270 7.00 10.58 -24.28
CA THR B 270 5.65 10.15 -24.71
C THR B 270 4.67 11.31 -24.92
N GLY B 271 4.83 12.38 -24.13
CA GLY B 271 3.80 13.40 -24.07
C GLY B 271 2.64 12.96 -23.17
N GLU B 272 1.75 13.91 -22.90
CA GLU B 272 0.50 13.71 -22.15
C GLU B 272 -0.47 12.80 -22.95
N GLY B 273 -1.37 12.12 -22.26
CA GLY B 273 -2.32 11.21 -22.91
C GLY B 273 -1.68 9.89 -23.33
N ALA B 274 -0.65 9.49 -22.59
CA ALA B 274 -0.01 8.20 -22.83
C ALA B 274 -0.22 7.29 -21.61
N PHE B 275 -0.11 6.00 -21.84
CA PHE B 275 -0.21 5.01 -20.77
C PHE B 275 0.62 3.81 -21.17
N ALA B 276 0.90 2.95 -20.20
CA ALA B 276 1.41 1.62 -20.52
C ALA B 276 0.68 0.56 -19.72
N VAL B 277 0.48 -0.60 -20.33
CA VAL B 277 -0.04 -1.77 -19.62
C VAL B 277 1.09 -2.80 -19.60
N VAL B 279 2.48 -6.43 -18.16
CA VAL B 279 1.92 -7.73 -17.70
C VAL B 279 3.07 -8.70 -17.43
N ARG B 280 3.01 -9.38 -16.30
CA ARG B 280 3.91 -10.46 -15.99
C ARG B 280 3.09 -11.74 -15.77
N TYR B 281 3.28 -12.71 -16.64
CA TYR B 281 2.63 -14.02 -16.52
C TYR B 281 3.31 -14.89 -15.47
N GLU B 282 2.54 -15.82 -14.90
CA GLU B 282 3.09 -16.81 -14.01
C GLU B 282 4.15 -17.63 -14.74
#